data_2YP6
#
_entry.id   2YP6
#
_cell.length_a   61.460
_cell.length_b   116.310
_cell.length_c   116.420
_cell.angle_alpha   90.00
_cell.angle_beta   90.00
_cell.angle_gamma   90.00
#
_symmetry.space_group_name_H-M   'P 21 21 21'
#
loop_
_entity.id
_entity.type
_entity.pdbx_description
1 polymer 'THIOREDOXIN FAMILY PROTEIN'
2 non-polymer 3-Cyclohexyl-1-Propylphosphocholine
3 non-polymer 'MALONATE ION'
4 water water
#
_entity_poly.entity_id   1
_entity_poly.type   'polypeptide(L)'
_entity_poly.pdbx_seq_one_letter_code
;MKKVMFAGLSLLSLVVLMACGEEETKKTQAAQQPKQQTTVQQIAVGKDAPDFTLQSMDGKEVKLSDFKGKKVYLKFWASW
CGPCKKSMPELMELAAKPDRDFEILTVIAPGIQGEKTVEQFPQWFQEQGYKDIPVLYDTKATTFQAYQIRSIPTEYLIDS
QGKIGKIQFGAISNADAEAAFKEMN
;
_entity_poly.pdbx_strand_id   A,B,C,D
#
loop_
_chem_comp.id
_chem_comp.type
_chem_comp.name
_chem_comp.formula
C6W non-polymer 3-Cyclohexyl-1-Propylphosphocholine 'C14 H24 N O4 P'
MLI non-polymer 'MALONATE ION' 'C3 H2 O4 -2'
#
# COMPACT_ATOMS: atom_id res chain seq x y z
N ILE A 43 23.97 4.03 -40.90
CA ILE A 43 22.81 4.56 -40.19
C ILE A 43 22.86 6.10 -40.21
N ALA A 44 21.70 6.72 -40.46
CA ALA A 44 21.64 8.17 -40.61
C ALA A 44 20.19 8.60 -40.52
N VAL A 45 19.99 9.76 -39.93
CA VAL A 45 18.67 10.34 -39.97
C VAL A 45 18.26 10.48 -41.42
N GLY A 46 17.02 10.12 -41.72
CA GLY A 46 16.50 10.25 -43.07
C GLY A 46 16.66 9.00 -43.92
N LYS A 47 17.42 8.04 -43.43
CA LYS A 47 17.67 6.82 -44.18
C LYS A 47 16.95 5.64 -43.53
N ASP A 48 16.78 4.57 -44.28
CA ASP A 48 16.07 3.40 -43.77
C ASP A 48 16.69 2.90 -42.47
N ALA A 49 15.83 2.62 -41.50
CA ALA A 49 16.23 1.92 -40.28
C ALA A 49 16.58 0.48 -40.63
N PRO A 50 17.73 -0.01 -40.15
CA PRO A 50 18.12 -1.38 -40.47
C PRO A 50 17.07 -2.40 -40.01
N ASP A 51 16.81 -3.36 -40.86
CA ASP A 51 15.89 -4.43 -40.54
C ASP A 51 16.45 -5.33 -39.45
N PHE A 52 15.55 -5.96 -38.72
CA PHE A 52 15.89 -6.99 -37.77
C PHE A 52 14.78 -7.99 -37.58
N THR A 53 15.18 -9.19 -37.16
CA THR A 53 14.29 -10.28 -36.82
C THR A 53 14.78 -10.84 -35.48
N LEU A 54 13.98 -10.63 -34.44
CA LEU A 54 14.37 -11.03 -33.07
C LEU A 54 13.25 -11.74 -32.31
N GLN A 55 13.60 -12.65 -31.41
CA GLN A 55 12.65 -13.22 -30.47
C GLN A 55 12.38 -12.22 -29.34
N SER A 56 11.12 -12.08 -28.95
CA SER A 56 10.75 -11.27 -27.80
C SER A 56 10.90 -12.11 -26.55
N MET A 57 10.91 -11.43 -25.40
CA MET A 57 10.94 -12.04 -24.08
C MET A 57 9.81 -13.05 -23.92
N ASP A 58 8.71 -12.79 -24.63
CA ASP A 58 7.54 -13.66 -24.55
C ASP A 58 7.52 -14.73 -25.66
N GLY A 59 8.64 -14.87 -26.36
CA GLY A 59 8.85 -15.98 -27.28
C GLY A 59 8.22 -15.86 -28.67
N LYS A 60 7.97 -14.63 -29.10
CA LYS A 60 7.37 -14.34 -30.39
C LYS A 60 8.44 -13.75 -31.29
N GLU A 61 8.43 -14.12 -32.56
CA GLU A 61 9.35 -13.50 -33.50
C GLU A 61 8.82 -12.13 -33.92
N VAL A 62 9.68 -11.13 -33.78
CA VAL A 62 9.30 -9.75 -34.12
C VAL A 62 10.26 -9.16 -35.14
N LYS A 63 9.73 -8.57 -36.21
CA LYS A 63 10.56 -7.99 -37.26
C LYS A 63 10.24 -6.51 -37.35
N LEU A 64 11.21 -5.66 -37.60
CA LEU A 64 10.89 -4.27 -37.84
C LEU A 64 9.85 -4.14 -38.95
N SER A 65 9.95 -5.02 -39.96
CA SER A 65 9.07 -4.99 -41.13
C SER A 65 7.63 -5.35 -40.76
N ASP A 66 7.42 -5.91 -39.57
CA ASP A 66 6.06 -6.17 -39.11
C ASP A 66 5.33 -4.83 -38.92
N PHE A 67 6.08 -3.75 -38.76
CA PHE A 67 5.53 -2.45 -38.37
C PHE A 67 5.52 -1.43 -39.51
N LYS A 68 5.54 -1.93 -40.73
CA LYS A 68 5.47 -1.05 -41.89
C LYS A 68 4.22 -0.22 -41.81
N GLY A 69 4.40 1.08 -42.04
CA GLY A 69 3.32 2.05 -41.94
C GLY A 69 3.08 2.60 -40.54
N LYS A 70 3.64 1.96 -39.52
CA LYS A 70 3.57 2.47 -38.15
C LYS A 70 4.87 3.15 -37.82
N LYS A 71 4.81 4.30 -37.16
CA LYS A 71 5.98 4.92 -36.57
C LYS A 71 6.44 3.98 -35.47
N VAL A 72 7.74 3.99 -35.15
CA VAL A 72 8.26 3.08 -34.14
C VAL A 72 9.17 3.84 -33.19
N TYR A 73 8.95 3.62 -31.90
CA TYR A 73 9.84 4.12 -30.83
C TYR A 73 10.73 2.94 -30.47
N LEU A 74 12.01 3.00 -30.86
CA LEU A 74 12.91 1.85 -30.69
C LEU A 74 13.97 2.20 -29.68
N LYS A 75 13.95 1.54 -28.52
CA LYS A 75 14.85 1.87 -27.42
C LYS A 75 15.82 0.74 -27.16
N PHE A 76 17.11 1.08 -27.19
CA PHE A 76 18.16 0.14 -26.84
C PHE A 76 18.57 0.40 -25.41
N TRP A 77 18.64 -0.63 -24.60
CA TRP A 77 18.91 -0.48 -23.19
C TRP A 77 19.54 -1.71 -22.55
N ALA A 78 19.83 -1.62 -21.26
CA ALA A 78 20.39 -2.74 -20.50
C ALA A 78 19.95 -2.64 -19.05
N SER A 79 19.76 -3.79 -18.41
CA SER A 79 19.30 -3.85 -17.04
C SER A 79 20.33 -3.27 -16.08
N TRP A 80 21.62 -3.28 -16.47
CA TRP A 80 22.69 -2.76 -15.60
C TRP A 80 22.86 -1.26 -15.63
N CYS A 81 22.15 -0.61 -16.54
CA CYS A 81 22.27 0.81 -16.81
C CYS A 81 21.22 1.58 -15.97
N GLY A 82 21.67 2.43 -15.05
CA GLY A 82 20.80 3.17 -14.14
C GLY A 82 19.77 4.03 -14.85
N PRO A 83 20.24 4.91 -15.76
CA PRO A 83 19.28 5.75 -16.49
C PRO A 83 18.31 4.93 -17.38
N CYS A 84 18.69 3.73 -17.80
CA CYS A 84 17.77 2.84 -18.56
C CYS A 84 16.65 2.32 -17.68
N LYS A 85 17.00 1.85 -16.50
CA LYS A 85 15.97 1.42 -15.55
C LYS A 85 15.05 2.57 -15.19
N LYS A 86 15.64 3.69 -14.88
CA LYS A 86 14.92 4.86 -14.44
C LYS A 86 13.93 5.34 -15.50
N SER A 87 14.23 5.10 -16.76
CA SER A 87 13.37 5.57 -17.84
C SER A 87 12.23 4.57 -18.16
N MET A 88 12.21 3.41 -17.52
CA MET A 88 11.21 2.41 -17.94
C MET A 88 9.75 2.72 -17.49
N PRO A 89 9.54 3.15 -16.23
CA PRO A 89 8.15 3.48 -15.84
C PRO A 89 7.53 4.56 -16.74
N GLU A 90 8.33 5.54 -17.13
CA GLU A 90 7.81 6.58 -18.01
C GLU A 90 7.43 5.96 -19.35
N LEU A 91 8.20 4.99 -19.84
CA LEU A 91 7.86 4.32 -21.11
C LEU A 91 6.56 3.50 -20.99
N MET A 92 6.35 2.88 -19.84
CA MET A 92 5.04 2.26 -19.55
C MET A 92 3.90 3.26 -19.58
N GLU A 93 4.09 4.47 -19.05
CA GLU A 93 3.09 5.54 -19.22
C GLU A 93 2.72 5.74 -20.68
N LEU A 94 3.75 5.82 -21.51
CA LEU A 94 3.55 6.05 -22.93
C LEU A 94 2.80 4.88 -23.55
N ALA A 95 3.18 3.66 -23.18
CA ALA A 95 2.53 2.49 -23.76
C ALA A 95 1.05 2.41 -23.41
N ALA A 96 0.68 2.98 -22.27
CA ALA A 96 -0.68 2.94 -21.79
C ALA A 96 -1.59 3.92 -22.51
N LYS A 97 -1.03 4.90 -23.22
CA LYS A 97 -1.83 5.90 -23.90
C LYS A 97 -2.53 5.26 -25.10
N PRO A 98 -3.82 5.52 -25.26
CA PRO A 98 -4.58 4.95 -26.38
C PRO A 98 -4.36 5.72 -27.68
N ASP A 99 -4.67 5.09 -28.80
CA ASP A 99 -4.67 5.77 -30.09
C ASP A 99 -3.34 6.46 -30.43
N ARG A 100 -2.25 5.75 -30.20
CA ARG A 100 -0.93 6.17 -30.69
C ARG A 100 -0.76 5.72 -32.13
N ASP A 101 -0.07 6.53 -32.94
CA ASP A 101 0.25 6.07 -34.29
C ASP A 101 1.66 5.50 -34.34
N PHE A 102 2.23 5.26 -33.15
CA PHE A 102 3.50 4.59 -33.05
C PHE A 102 3.46 3.35 -32.16
N GLU A 103 4.35 2.42 -32.44
CA GLU A 103 4.55 1.21 -31.65
C GLU A 103 5.83 1.38 -30.86
N ILE A 104 5.84 0.87 -29.64
CA ILE A 104 7.04 0.83 -28.82
C ILE A 104 7.71 -0.55 -28.85
N LEU A 105 9.01 -0.55 -29.11
CA LEU A 105 9.84 -1.76 -29.09
C LEU A 105 11.11 -1.42 -28.35
N THR A 106 11.54 -2.32 -27.48
CA THR A 106 12.82 -2.12 -26.81
C THR A 106 13.69 -3.35 -27.08
N VAL A 107 15.00 -3.15 -27.03
CA VAL A 107 15.98 -4.17 -27.34
C VAL A 107 17.06 -4.25 -26.26
N ILE A 108 17.31 -5.46 -25.78
CA ILE A 108 18.46 -5.73 -24.90
C ILE A 108 19.32 -6.78 -25.60
N ALA A 109 20.53 -6.98 -25.08
CA ALA A 109 21.46 -7.96 -25.59
C ALA A 109 21.71 -8.96 -24.48
N PRO A 110 20.84 -9.96 -24.35
CA PRO A 110 20.90 -10.83 -23.18
C PRO A 110 22.25 -11.55 -23.07
N GLY A 111 22.81 -11.58 -21.86
CA GLY A 111 24.07 -12.25 -21.61
C GLY A 111 25.30 -11.55 -22.15
N ILE A 112 25.09 -10.45 -22.86
CA ILE A 112 26.21 -9.80 -23.52
C ILE A 112 26.70 -8.61 -22.72
N GLN A 113 28.01 -8.60 -22.51
CA GLN A 113 28.71 -7.53 -21.79
C GLN A 113 28.02 -7.18 -20.48
N GLY A 114 27.66 -8.22 -19.72
CA GLY A 114 27.13 -8.02 -18.40
C GLY A 114 25.62 -8.05 -18.28
N GLU A 115 24.89 -8.06 -19.38
CA GLU A 115 23.45 -8.20 -19.30
C GLU A 115 23.09 -9.56 -18.72
N LYS A 116 21.91 -9.61 -18.12
CA LYS A 116 21.36 -10.82 -17.53
C LYS A 116 21.13 -11.91 -18.57
N THR A 117 21.14 -13.15 -18.12
CA THR A 117 20.90 -14.24 -19.03
C THR A 117 19.44 -14.24 -19.46
N VAL A 118 19.16 -14.94 -20.55
CA VAL A 118 17.79 -15.11 -21.02
C VAL A 118 16.88 -15.70 -19.95
N GLU A 119 17.42 -16.52 -19.06
CA GLU A 119 16.60 -17.11 -18.00
C GLU A 119 16.34 -16.11 -16.89
N GLN A 120 17.34 -15.29 -16.57
CA GLN A 120 17.25 -14.40 -15.43
C GLN A 120 16.51 -13.10 -15.77
N PHE A 121 16.63 -12.63 -17.01
CA PHE A 121 16.09 -11.31 -17.34
C PHE A 121 14.59 -11.16 -17.08
N PRO A 122 13.77 -12.09 -17.55
CA PRO A 122 12.34 -11.89 -17.37
C PRO A 122 11.91 -11.86 -15.90
N GLN A 123 12.57 -12.65 -15.05
CA GLN A 123 12.30 -12.65 -13.63
C GLN A 123 12.60 -11.27 -13.05
N TRP A 124 13.78 -10.75 -13.37
CA TRP A 124 14.18 -9.41 -12.92
C TRP A 124 13.18 -8.33 -13.41
N PHE A 125 12.80 -8.41 -14.69
CA PHE A 125 11.92 -7.43 -15.31
C PHE A 125 10.61 -7.35 -14.54
N GLN A 126 10.05 -8.52 -14.27
CA GLN A 126 8.77 -8.61 -13.57
C GLN A 126 8.86 -8.10 -12.14
N GLU A 127 10.00 -8.34 -11.49
CA GLU A 127 10.22 -7.94 -10.09
C GLU A 127 10.29 -6.42 -9.96
N GLN A 128 10.70 -5.74 -11.02
CA GLN A 128 10.75 -4.28 -11.02
C GLN A 128 9.35 -3.68 -11.17
N GLY A 129 8.36 -4.52 -11.45
CA GLY A 129 7.01 -4.04 -11.76
C GLY A 129 6.83 -3.63 -13.22
N TYR A 130 7.79 -3.98 -14.06
CA TYR A 130 7.71 -3.58 -15.46
C TYR A 130 6.78 -4.54 -16.20
N LYS A 131 6.05 -3.99 -17.16
CA LYS A 131 5.19 -4.78 -18.03
C LYS A 131 4.65 -3.93 -19.15
N ASP A 132 3.96 -4.56 -20.10
CA ASP A 132 3.37 -3.87 -21.24
C ASP A 132 4.38 -3.24 -22.17
N ILE A 133 5.65 -3.63 -22.06
CA ILE A 133 6.70 -3.09 -22.91
C ILE A 133 7.37 -4.26 -23.62
N PRO A 134 7.32 -4.30 -24.96
CA PRO A 134 8.07 -5.36 -25.66
C PRO A 134 9.55 -5.30 -25.41
N VAL A 135 10.12 -6.46 -25.12
CA VAL A 135 11.56 -6.55 -25.00
C VAL A 135 12.05 -7.59 -25.98
N LEU A 136 12.90 -7.16 -26.91
CA LEU A 136 13.44 -8.03 -27.92
C LEU A 136 14.87 -8.43 -27.54
N TYR A 137 15.20 -9.67 -27.83
CA TYR A 137 16.49 -10.26 -27.42
C TYR A 137 17.47 -10.25 -28.57
N ASP A 138 18.42 -9.34 -28.52
CA ASP A 138 19.49 -9.26 -29.51
C ASP A 138 20.61 -10.24 -29.11
N THR A 139 20.35 -11.52 -29.28
CA THR A 139 21.24 -12.59 -28.79
C THR A 139 22.58 -12.69 -29.52
N LYS A 140 22.71 -11.96 -30.62
CA LYS A 140 23.96 -11.94 -31.39
C LYS A 140 24.61 -10.58 -31.39
N ALA A 141 23.97 -9.62 -30.72
CA ALA A 141 24.40 -8.23 -30.67
C ALA A 141 24.41 -7.52 -32.02
N THR A 142 23.79 -8.14 -33.02
CA THR A 142 23.88 -7.59 -34.38
C THR A 142 22.93 -6.42 -34.63
N THR A 143 21.86 -6.33 -33.85
CA THR A 143 20.99 -5.18 -33.94
C THR A 143 21.63 -3.97 -33.25
N PHE A 144 22.19 -4.17 -32.07
CA PHE A 144 23.00 -3.12 -31.44
C PHE A 144 24.10 -2.65 -32.39
N GLN A 145 24.77 -3.59 -33.06
CA GLN A 145 25.81 -3.24 -34.01
C GLN A 145 25.23 -2.49 -35.19
N ALA A 146 24.14 -2.98 -35.75
CA ALA A 146 23.54 -2.37 -36.92
C ALA A 146 23.14 -0.92 -36.65
N TYR A 147 22.64 -0.64 -35.44
CA TYR A 147 22.19 0.70 -35.09
C TYR A 147 23.31 1.55 -34.46
N GLN A 148 24.53 1.02 -34.50
CA GLN A 148 25.72 1.74 -34.04
C GLN A 148 25.56 2.34 -32.64
N ILE A 149 25.10 1.51 -31.72
CA ILE A 149 24.88 1.98 -30.37
C ILE A 149 26.23 2.30 -29.73
N ARG A 150 26.35 3.49 -29.15
CA ARG A 150 27.58 3.90 -28.46
C ARG A 150 27.33 4.07 -26.95
N SER A 151 26.09 4.45 -26.61
CA SER A 151 25.70 4.65 -25.22
C SER A 151 24.25 4.26 -25.04
N ILE A 152 23.86 3.98 -23.79
CA ILE A 152 22.47 3.62 -23.53
C ILE A 152 21.93 4.44 -22.37
N PRO A 153 20.61 4.66 -22.36
CA PRO A 153 19.67 4.26 -23.40
C PRO A 153 19.83 5.14 -24.64
N THR A 154 19.54 4.58 -25.82
CA THR A 154 19.42 5.35 -27.06
C THR A 154 18.06 5.00 -27.68
N GLU A 155 17.34 6.02 -28.14
CA GLU A 155 16.09 5.82 -28.82
C GLU A 155 16.20 6.29 -30.26
N TYR A 156 15.69 5.45 -31.17
CA TYR A 156 15.47 5.81 -32.57
C TYR A 156 13.98 5.94 -32.76
N LEU A 157 13.54 7.10 -33.26
CA LEU A 157 12.15 7.32 -33.59
C LEU A 157 12.03 7.22 -35.11
N ILE A 158 11.40 6.14 -35.54
CA ILE A 158 11.36 5.73 -36.93
C ILE A 158 9.99 6.11 -37.50
N ASP A 159 9.99 6.68 -38.71
CA ASP A 159 8.77 7.21 -39.26
C ASP A 159 7.94 6.10 -39.94
N SER A 160 6.75 6.46 -40.44
CA SER A 160 5.83 5.46 -40.98
C SER A 160 6.36 4.85 -42.26
N GLN A 161 7.38 5.47 -42.84
CA GLN A 161 7.97 4.98 -44.07
C GLN A 161 9.22 4.13 -43.80
N GLY A 162 9.52 3.89 -42.51
CA GLY A 162 10.66 3.09 -42.10
C GLY A 162 12.00 3.81 -42.06
N LYS A 163 11.97 5.16 -42.17
CA LYS A 163 13.18 5.98 -42.10
C LYS A 163 13.43 6.48 -40.70
N ILE A 164 14.69 6.58 -40.32
CA ILE A 164 15.01 7.19 -39.04
C ILE A 164 14.57 8.66 -39.08
N GLY A 165 13.68 9.04 -38.17
CA GLY A 165 13.23 10.43 -38.06
C GLY A 165 13.99 11.22 -37.02
N LYS A 166 14.16 10.64 -35.83
CA LYS A 166 14.96 11.27 -34.78
C LYS A 166 15.79 10.24 -34.06
N ILE A 167 16.88 10.69 -33.45
CA ILE A 167 17.70 9.88 -32.57
C ILE A 167 17.91 10.68 -31.29
N GLN A 168 17.81 9.99 -30.16
CA GLN A 168 18.05 10.62 -28.87
C GLN A 168 19.04 9.77 -28.07
N PHE A 169 20.09 10.41 -27.58
CA PHE A 169 21.08 9.78 -26.71
C PHE A 169 20.64 10.09 -25.29
N GLY A 170 20.42 9.04 -24.52
CA GLY A 170 19.81 9.22 -23.21
C GLY A 170 18.31 9.17 -23.34
N ALA A 171 17.61 9.28 -22.21
CA ALA A 171 16.16 9.17 -22.21
C ALA A 171 15.53 10.35 -22.93
N ILE A 172 14.35 10.11 -23.51
CA ILE A 172 13.56 11.19 -24.10
C ILE A 172 12.24 11.27 -23.32
N SER A 173 11.77 12.46 -23.01
CA SER A 173 10.51 12.60 -22.29
C SER A 173 9.38 12.14 -23.20
N ASN A 174 8.28 11.71 -22.60
CA ASN A 174 7.13 11.30 -23.39
C ASN A 174 6.63 12.49 -24.22
N ALA A 175 6.62 13.69 -23.62
CA ALA A 175 6.18 14.88 -24.34
C ALA A 175 7.04 15.11 -25.57
N ASP A 176 8.36 15.00 -25.41
CA ASP A 176 9.25 15.23 -26.53
C ASP A 176 9.08 14.13 -27.58
N ALA A 177 8.87 12.87 -27.16
CA ALA A 177 8.68 11.80 -28.12
C ALA A 177 7.39 11.99 -28.94
N GLU A 178 6.31 12.33 -28.25
CA GLU A 178 5.01 12.55 -28.89
C GLU A 178 5.12 13.68 -29.88
N ALA A 179 5.74 14.78 -29.47
CA ALA A 179 5.93 15.93 -30.35
C ALA A 179 6.74 15.52 -31.59
N ALA A 180 7.79 14.73 -31.38
CA ALA A 180 8.66 14.27 -32.47
C ALA A 180 7.88 13.47 -33.49
N PHE A 181 7.08 12.52 -33.02
CA PHE A 181 6.31 11.69 -33.93
C PHE A 181 5.30 12.52 -34.74
N LYS A 182 4.79 13.60 -34.15
CA LYS A 182 3.91 14.50 -34.90
C LYS A 182 4.60 15.20 -36.05
N GLU A 183 5.91 15.44 -35.94
CA GLU A 183 6.62 16.14 -37.01
C GLU A 183 7.24 15.20 -38.06
N MET A 184 7.00 13.91 -37.90
CA MET A 184 7.44 12.87 -38.82
C MET A 184 6.34 12.40 -39.72
N ASN A 185 6.70 11.92 -40.91
CA ASN A 185 5.74 11.26 -41.78
C ASN A 185 5.31 9.88 -41.30
N ILE B 43 3.28 17.65 17.33
CA ILE B 43 4.34 16.73 16.90
C ILE B 43 4.08 16.25 15.46
N ALA B 44 5.07 16.40 14.60
CA ALA B 44 4.99 15.93 13.23
C ALA B 44 6.39 15.70 12.72
N VAL B 45 6.56 14.66 11.91
CA VAL B 45 7.79 14.50 11.17
C VAL B 45 8.04 15.73 10.31
N GLY B 46 9.29 16.20 10.28
CA GLY B 46 9.64 17.34 9.48
C GLY B 46 9.52 18.65 10.22
N LYS B 47 8.92 18.63 11.41
CA LYS B 47 8.75 19.84 12.20
C LYS B 47 9.69 19.80 13.41
N ASP B 48 9.91 20.96 14.02
CA ASP B 48 10.78 21.06 15.18
C ASP B 48 10.38 20.10 16.29
N ALA B 49 11.37 19.40 16.83
CA ALA B 49 11.15 18.61 18.03
C ALA B 49 10.97 19.55 19.20
N PRO B 50 9.99 19.29 20.06
CA PRO B 50 9.81 20.21 21.18
C PRO B 50 11.06 20.32 22.05
N ASP B 51 11.38 21.53 22.47
CA ASP B 51 12.49 21.75 23.39
C ASP B 51 12.18 21.15 24.76
N PHE B 52 13.22 20.84 25.50
CA PHE B 52 13.09 20.42 26.90
C PHE B 52 14.36 20.79 27.63
N THR B 53 14.22 20.97 28.94
CA THR B 53 15.33 21.20 29.82
C THR B 53 15.09 20.26 30.99
N LEU B 54 15.95 19.26 31.11
CA LEU B 54 15.78 18.23 32.13
C LEU B 54 17.09 17.98 32.86
N GLN B 55 17.00 17.54 34.12
CA GLN B 55 18.15 17.04 34.85
C GLN B 55 18.44 15.60 34.46
N SER B 56 19.72 15.27 34.29
CA SER B 56 20.11 13.89 34.06
C SER B 56 20.31 13.13 35.39
N MET B 57 20.41 11.81 35.28
CA MET B 57 20.65 10.93 36.38
C MET B 57 21.95 11.31 37.11
N ASP B 58 22.90 11.88 36.36
CA ASP B 58 24.17 12.32 36.96
C ASP B 58 24.14 13.77 37.44
N GLY B 59 22.96 14.40 37.47
CA GLY B 59 22.80 15.75 38.01
C GLY B 59 23.18 16.93 37.10
N LYS B 60 23.26 16.71 35.80
CA LYS B 60 23.59 17.78 34.86
C LYS B 60 22.28 18.27 34.22
N GLU B 61 22.18 19.56 33.97
CA GLU B 61 21.03 20.06 33.20
C GLU B 61 21.25 19.87 31.72
N VAL B 62 20.26 19.27 31.05
CA VAL B 62 20.39 18.90 29.64
C VAL B 62 19.22 19.48 28.85
N LYS B 63 19.54 20.20 27.78
CA LYS B 63 18.54 20.76 26.86
C LYS B 63 18.66 20.15 25.49
N LEU B 64 17.55 19.91 24.83
CA LEU B 64 17.62 19.39 23.48
C LEU B 64 18.45 20.33 22.60
N SER B 65 18.30 21.62 22.82
CA SER B 65 18.96 22.62 21.98
C SER B 65 20.49 22.63 22.20
N ASP B 66 20.94 22.03 23.29
CA ASP B 66 22.37 21.81 23.52
C ASP B 66 22.98 21.00 22.38
N PHE B 67 22.15 20.25 21.66
CA PHE B 67 22.66 19.34 20.65
C PHE B 67 22.38 19.80 19.23
N LYS B 68 22.05 21.07 19.04
CA LYS B 68 21.99 21.59 17.69
C LYS B 68 23.26 21.26 16.94
N GLY B 69 23.09 20.85 15.68
CA GLY B 69 24.21 20.51 14.83
C GLY B 69 24.56 19.03 14.91
N LYS B 70 24.08 18.35 15.95
CA LYS B 70 24.21 16.89 16.06
C LYS B 70 22.83 16.29 15.84
N LYS B 71 22.76 15.14 15.19
CA LYS B 71 21.55 14.35 15.14
C LYS B 71 21.34 13.75 16.53
N VAL B 72 20.10 13.47 16.88
CA VAL B 72 19.80 12.96 18.19
C VAL B 72 18.89 11.74 18.13
N TYR B 73 19.33 10.68 18.80
CA TYR B 73 18.51 9.50 19.05
C TYR B 73 17.87 9.67 20.42
N LEU B 74 16.58 9.92 20.44
CA LEU B 74 15.86 10.25 21.67
C LEU B 74 14.85 9.14 22.00
N LYS B 75 15.09 8.43 23.09
CA LYS B 75 14.27 7.26 23.45
C LYS B 75 13.54 7.50 24.75
N PHE B 76 12.23 7.28 24.69
CA PHE B 76 11.34 7.37 25.86
C PHE B 76 11.05 5.95 26.34
N TRP B 77 11.24 5.73 27.63
CA TRP B 77 11.19 4.38 28.18
C TRP B 77 10.85 4.35 29.67
N ALA B 78 10.71 3.14 30.19
CA ALA B 78 10.48 2.95 31.61
C ALA B 78 11.09 1.62 32.08
N SER B 79 11.53 1.58 33.32
CA SER B 79 12.16 0.37 33.84
C SER B 79 11.19 -0.78 33.94
N TRP B 80 9.89 -0.48 34.03
CA TRP B 80 8.85 -1.52 34.17
C TRP B 80 8.42 -2.15 32.84
N CYS B 81 8.91 -1.60 31.75
CA CYS B 81 8.58 -2.03 30.38
C CYS B 81 9.57 -3.10 29.94
N GLY B 82 9.12 -4.32 29.75
CA GLY B 82 9.99 -5.42 29.34
C GLY B 82 10.78 -5.14 28.07
N PRO B 83 10.09 -4.79 26.98
CA PRO B 83 10.75 -4.42 25.72
C PRO B 83 11.75 -3.27 25.86
N CYS B 84 11.47 -2.33 26.76
CA CYS B 84 12.40 -1.23 27.00
C CYS B 84 13.71 -1.70 27.61
N LYS B 85 13.61 -2.53 28.66
CA LYS B 85 14.80 -3.12 29.26
C LYS B 85 15.56 -3.93 28.26
N LYS B 86 14.84 -4.75 27.51
CA LYS B 86 15.45 -5.65 26.54
C LYS B 86 16.26 -4.90 25.48
N SER B 87 15.89 -3.65 25.22
CA SER B 87 16.48 -2.85 24.16
C SER B 87 17.70 -2.07 24.67
N MET B 88 17.98 -2.09 25.98
CA MET B 88 19.03 -1.22 26.52
C MET B 88 20.46 -1.69 26.16
N PRO B 89 20.75 -3.01 26.25
CA PRO B 89 22.12 -3.42 25.85
C PRO B 89 22.44 -3.10 24.40
N GLU B 90 21.48 -3.26 23.51
CA GLU B 90 21.70 -2.91 22.12
C GLU B 90 22.01 -1.41 22.01
N LEU B 91 21.32 -0.59 22.78
CA LEU B 91 21.58 0.83 22.75
C LEU B 91 23.01 1.15 23.23
N MET B 92 23.50 0.36 24.19
CA MET B 92 24.88 0.54 24.66
C MET B 92 25.85 0.21 23.55
N GLU B 93 25.54 -0.82 22.75
CA GLU B 93 26.37 -1.13 21.58
C GLU B 93 26.47 0.09 20.66
N LEU B 94 25.36 0.80 20.49
CA LEU B 94 25.34 1.94 19.59
C LEU B 94 26.19 3.04 20.21
N ALA B 95 26.06 3.26 21.51
CA ALA B 95 26.81 4.30 22.18
C ALA B 95 28.31 4.03 22.12
N ALA B 96 28.68 2.75 22.03
CA ALA B 96 30.09 2.37 21.96
C ALA B 96 30.73 2.64 20.60
N LYS B 97 29.94 2.92 19.57
CA LYS B 97 30.53 3.13 18.25
C LYS B 97 31.19 4.50 18.19
N PRO B 98 32.40 4.57 17.63
CA PRO B 98 33.13 5.84 17.54
C PRO B 98 32.66 6.64 16.33
N ASP B 99 32.92 7.93 16.30
CA ASP B 99 32.67 8.75 15.12
C ASP B 99 31.20 8.79 14.68
N ARG B 100 30.28 8.73 15.65
CA ARG B 100 28.86 8.92 15.35
C ARG B 100 28.59 10.41 15.14
N ASP B 101 27.72 10.74 14.18
CA ASP B 101 27.28 12.14 14.02
C ASP B 101 25.95 12.36 14.76
N PHE B 102 25.62 11.43 15.66
CA PHE B 102 24.44 11.57 16.50
C PHE B 102 24.73 11.30 17.97
N GLU B 103 23.93 11.94 18.83
CA GLU B 103 24.01 11.77 20.26
C GLU B 103 22.81 10.96 20.74
N ILE B 104 23.02 10.12 21.74
CA ILE B 104 21.96 9.31 22.34
C ILE B 104 21.47 9.96 23.65
N LEU B 105 20.16 10.17 23.73
CA LEU B 105 19.52 10.62 24.96
C LEU B 105 18.31 9.77 25.23
N THR B 106 18.14 9.37 26.49
CA THR B 106 16.94 8.66 26.88
C THR B 106 16.21 9.41 27.99
N VAL B 107 14.91 9.17 28.10
CA VAL B 107 14.07 9.90 29.03
C VAL B 107 13.18 8.92 29.78
N ILE B 108 13.17 9.05 31.09
CA ILE B 108 12.18 8.34 31.93
C ILE B 108 11.41 9.37 32.73
N ALA B 109 10.34 8.92 33.38
CA ALA B 109 9.55 9.79 34.24
C ALA B 109 9.63 9.22 35.65
N PRO B 110 10.68 9.58 36.40
CA PRO B 110 10.93 8.97 37.70
C PRO B 110 9.73 9.12 38.64
N GLY B 111 9.42 8.02 39.31
CA GLY B 111 8.35 7.99 40.28
C GLY B 111 6.94 8.08 39.70
N ILE B 112 6.80 8.17 38.38
CA ILE B 112 5.49 8.38 37.79
C ILE B 112 4.94 7.10 37.19
N GLN B 113 3.72 6.78 37.60
CA GLN B 113 3.01 5.61 37.13
C GLN B 113 3.86 4.35 37.23
N GLY B 114 4.55 4.20 38.36
CA GLY B 114 5.24 2.96 38.66
C GLY B 114 6.74 3.00 38.40
N GLU B 115 7.23 4.05 37.76
CA GLU B 115 8.65 4.18 37.56
C GLU B 115 9.34 4.27 38.91
N LYS B 116 10.61 3.88 38.92
CA LYS B 116 11.39 3.91 40.15
C LYS B 116 11.62 5.36 40.60
N THR B 117 11.82 5.54 41.90
CA THR B 117 12.12 6.85 42.43
C THR B 117 13.47 7.33 41.94
N VAL B 118 13.72 8.62 42.06
CA VAL B 118 15.01 9.20 41.71
C VAL B 118 16.16 8.57 42.51
N GLU B 119 15.88 8.16 43.74
CA GLU B 119 16.92 7.53 44.55
C GLU B 119 17.16 6.10 44.10
N GLN B 120 16.10 5.37 43.78
CA GLN B 120 16.23 3.96 43.41
C GLN B 120 16.73 3.76 41.97
N PHE B 121 16.36 4.65 41.07
CA PHE B 121 16.56 4.36 39.65
C PHE B 121 18.03 4.12 39.31
N PRO B 122 18.93 5.01 39.74
CA PRO B 122 20.34 4.83 39.37
C PRO B 122 20.94 3.53 39.89
N GLN B 123 20.50 3.12 41.06
CA GLN B 123 20.98 1.89 41.65
C GLN B 123 20.52 0.68 40.83
N TRP B 124 19.24 0.69 40.44
CA TRP B 124 18.70 -0.34 39.58
C TRP B 124 19.43 -0.38 38.21
N PHE B 125 19.63 0.79 37.65
CA PHE B 125 20.25 0.95 36.35
C PHE B 125 21.63 0.34 36.37
N GLN B 126 22.41 0.65 37.41
CA GLN B 126 23.75 0.13 37.50
C GLN B 126 23.75 -1.39 37.70
N GLU B 127 22.81 -1.92 38.49
CA GLU B 127 22.72 -3.35 38.77
C GLU B 127 22.39 -4.19 37.53
N GLN B 128 21.71 -3.59 36.55
CA GLN B 128 21.47 -4.27 35.28
C GLN B 128 22.71 -4.33 34.42
N GLY B 129 23.76 -3.60 34.82
CA GLY B 129 24.98 -3.54 34.02
C GLY B 129 24.91 -2.44 32.97
N TYR B 130 23.91 -1.57 33.10
CA TYR B 130 23.76 -0.49 32.11
C TYR B 130 24.72 0.65 32.41
N LYS B 131 25.23 1.29 31.35
CA LYS B 131 26.08 2.47 31.50
C LYS B 131 26.29 3.08 30.11
N ASP B 132 26.91 4.26 30.10
CA ASP B 132 27.18 4.99 28.88
C ASP B 132 25.96 5.48 28.14
N ILE B 133 24.82 5.50 28.83
CA ILE B 133 23.57 5.97 28.25
C ILE B 133 22.98 7.06 29.12
N PRO B 134 22.86 8.27 28.56
CA PRO B 134 22.25 9.37 29.31
C PRO B 134 20.79 9.06 29.62
N VAL B 135 20.42 9.32 30.86
CA VAL B 135 19.02 9.17 31.25
C VAL B 135 18.58 10.50 31.86
N LEU B 136 17.55 11.07 31.28
CA LEU B 136 17.05 12.36 31.69
C LEU B 136 15.76 12.15 32.46
N TYR B 137 15.56 12.92 33.51
CA TYR B 137 14.44 12.75 34.42
C TYR B 137 13.30 13.71 34.09
N ASP B 138 12.23 13.17 33.52
CA ASP B 138 11.06 13.96 33.19
C ASP B 138 10.16 13.98 34.43
N THR B 139 10.55 14.78 35.43
CA THR B 139 9.95 14.76 36.77
C THR B 139 8.52 15.34 36.82
N LYS B 140 8.05 15.88 35.71
CA LYS B 140 6.69 16.40 35.60
C LYS B 140 5.90 15.73 34.49
N ALA B 141 6.54 14.80 33.80
CA ALA B 141 5.95 14.09 32.66
C ALA B 141 5.64 14.99 31.47
N THR B 142 6.17 16.20 31.47
CA THR B 142 5.81 17.16 30.45
C THR B 142 6.53 16.90 29.13
N THR B 143 7.67 16.20 29.19
CA THR B 143 8.36 15.88 27.97
C THR B 143 7.67 14.70 27.28
N PHE B 144 7.29 13.69 28.04
CA PHE B 144 6.44 12.61 27.53
C PHE B 144 5.16 13.19 26.92
N GLN B 145 4.56 14.15 27.60
CA GLN B 145 3.35 14.77 27.06
C GLN B 145 3.63 15.54 25.75
N ALA B 146 4.68 16.35 25.71
CA ALA B 146 4.99 17.15 24.52
C ALA B 146 5.33 16.29 23.30
N TYR B 147 5.95 15.14 23.54
CA TYR B 147 6.27 14.22 22.45
C TYR B 147 5.13 13.24 22.21
N GLN B 148 3.99 13.46 22.85
CA GLN B 148 2.78 12.67 22.56
C GLN B 148 3.03 11.17 22.59
N ILE B 149 3.75 10.73 23.62
CA ILE B 149 4.07 9.31 23.80
C ILE B 149 2.76 8.54 24.02
N ARG B 150 2.56 7.49 23.23
CA ARG B 150 1.40 6.61 23.41
C ARG B 150 1.79 5.16 23.73
N SER B 151 3.06 4.80 23.53
CA SER B 151 3.55 3.47 23.89
C SER B 151 5.05 3.56 24.09
N ILE B 152 5.62 2.60 24.81
CA ILE B 152 7.07 2.58 24.97
C ILE B 152 7.63 1.21 24.68
N PRO B 153 8.88 1.16 24.26
CA PRO B 153 9.68 2.36 24.02
C PRO B 153 9.27 3.08 22.73
N THR B 154 9.53 4.38 22.63
CA THR B 154 9.41 5.09 21.37
C THR B 154 10.70 5.88 21.16
N GLU B 155 11.19 5.87 19.93
CA GLU B 155 12.37 6.66 19.58
C GLU B 155 12.03 7.72 18.56
N TYR B 156 12.53 8.91 18.81
CA TYR B 156 12.53 10.00 17.84
C TYR B 156 13.95 10.19 17.37
N LEU B 157 14.13 10.19 16.06
CA LEU B 157 15.44 10.44 15.47
C LEU B 157 15.38 11.83 14.89
N ILE B 158 16.13 12.73 15.50
CA ILE B 158 16.03 14.17 15.26
C ILE B 158 17.27 14.59 14.49
N ASP B 159 17.07 15.45 13.49
CA ASP B 159 18.16 15.82 12.61
C ASP B 159 18.98 16.95 13.21
N SER B 160 20.03 17.34 12.51
CA SER B 160 21.00 18.30 13.04
C SER B 160 20.42 19.69 13.18
N GLN B 161 19.25 19.91 12.61
CA GLN B 161 18.60 21.21 12.69
C GLN B 161 17.51 21.20 13.77
N GLY B 162 17.39 20.08 14.46
CA GLY B 162 16.41 19.97 15.53
C GLY B 162 15.01 19.56 15.07
N LYS B 163 14.89 19.13 13.82
CA LYS B 163 13.60 18.67 13.28
C LYS B 163 13.45 17.16 13.45
N ILE B 164 12.22 16.70 13.65
CA ILE B 164 11.98 15.26 13.70
C ILE B 164 12.21 14.68 12.33
N GLY B 165 13.09 13.68 12.23
CA GLY B 165 13.37 12.98 11.00
C GLY B 165 12.61 11.66 10.90
N LYS B 166 12.66 10.87 11.97
CA LYS B 166 11.90 9.63 12.04
C LYS B 166 11.32 9.40 13.44
N ILE B 167 10.26 8.59 13.47
CA ILE B 167 9.66 8.16 14.71
C ILE B 167 9.49 6.65 14.59
N GLN B 168 9.91 5.92 15.63
CA GLN B 168 9.77 4.48 15.67
C GLN B 168 8.99 4.11 16.93
N PHE B 169 7.91 3.35 16.76
CA PHE B 169 7.20 2.74 17.88
C PHE B 169 7.75 1.35 18.17
N GLY B 170 8.19 1.14 19.40
CA GLY B 170 8.94 -0.07 19.71
C GLY B 170 10.40 0.17 19.41
N ALA B 171 11.23 -0.81 19.70
CA ALA B 171 12.66 -0.63 19.56
C ALA B 171 13.00 -0.57 18.07
N ILE B 172 14.10 0.11 17.77
CA ILE B 172 14.64 0.18 16.41
C ILE B 172 16.01 -0.48 16.46
N SER B 173 16.31 -1.31 15.47
CA SER B 173 17.63 -1.93 15.39
C SER B 173 18.70 -0.86 15.18
N ASN B 174 19.90 -1.14 15.65
CA ASN B 174 21.00 -0.22 15.46
C ASN B 174 21.26 0.04 13.96
N ALA B 175 21.17 -1.02 13.17
CA ALA B 175 21.40 -0.92 11.73
C ALA B 175 20.37 0.02 11.10
N ASP B 176 19.09 -0.11 11.46
CA ASP B 176 18.05 0.80 10.98
C ASP B 176 18.23 2.25 11.47
N ALA B 177 18.63 2.41 12.73
CA ALA B 177 18.84 3.74 13.25
C ALA B 177 20.00 4.41 12.51
N GLU B 178 21.09 3.68 12.32
CA GLU B 178 22.25 4.24 11.64
C GLU B 178 21.89 4.64 10.20
N ALA B 179 21.17 3.77 9.51
CA ALA B 179 20.76 4.03 8.12
C ALA B 179 19.82 5.22 8.04
N ALA B 180 18.93 5.34 9.02
CA ALA B 180 17.99 6.44 9.11
C ALA B 180 18.73 7.77 9.28
N PHE B 181 19.71 7.80 10.18
CA PHE B 181 20.46 9.04 10.40
C PHE B 181 21.19 9.47 9.13
N LYS B 182 21.52 8.52 8.26
CA LYS B 182 22.14 8.86 6.99
C LYS B 182 21.14 9.52 6.01
N GLU B 183 19.84 9.33 6.24
CA GLU B 183 18.80 9.91 5.37
C GLU B 183 18.38 11.31 5.79
N MET B 184 18.97 11.82 6.86
CA MET B 184 18.66 13.18 7.28
C MET B 184 19.91 14.05 7.37
N ASN B 185 19.70 15.36 7.44
CA ASN B 185 20.80 16.33 7.50
C ASN B 185 21.19 16.71 8.92
N ILE C 43 -15.27 4.67 9.97
CA ILE C 43 -14.98 4.38 8.56
C ILE C 43 -15.71 3.13 8.08
N ALA C 44 -16.38 3.27 6.94
CA ALA C 44 -17.19 2.19 6.43
C ALA C 44 -17.53 2.49 4.98
N VAL C 45 -17.67 1.43 4.20
CA VAL C 45 -18.16 1.57 2.85
C VAL C 45 -19.54 2.22 2.93
N GLY C 46 -19.78 3.14 2.02
CA GLY C 46 -21.05 3.81 1.92
C GLY C 46 -21.12 5.06 2.77
N LYS C 47 -20.10 5.31 3.59
CA LYS C 47 -20.08 6.50 4.42
C LYS C 47 -19.01 7.48 3.94
N ASP C 48 -19.06 8.72 4.42
CA ASP C 48 -18.13 9.77 4.02
C ASP C 48 -16.71 9.29 4.30
N ALA C 49 -15.85 9.44 3.31
CA ALA C 49 -14.41 9.27 3.50
C ALA C 49 -13.90 10.36 4.41
N PRO C 50 -13.09 10.01 5.45
CA PRO C 50 -12.59 11.05 6.33
C PRO C 50 -11.81 12.12 5.57
N ASP C 51 -12.06 13.39 5.86
CA ASP C 51 -11.35 14.45 5.17
C ASP C 51 -9.92 14.50 5.67
N PHE C 52 -9.05 15.08 4.88
CA PHE C 52 -7.69 15.31 5.30
C PHE C 52 -7.16 16.48 4.52
N THR C 53 -6.14 17.11 5.09
CA THR C 53 -5.43 18.22 4.47
C THR C 53 -3.95 17.91 4.67
N LEU C 54 -3.26 17.60 3.58
CA LEU C 54 -1.86 17.20 3.65
C LEU C 54 -1.01 17.93 2.61
N GLN C 55 0.25 18.14 2.94
CA GLN C 55 1.25 18.61 1.98
C GLN C 55 1.67 17.46 1.06
N SER C 56 1.75 17.74 -0.24
CA SER C 56 2.28 16.77 -1.17
C SER C 56 3.80 16.87 -1.22
N MET C 57 4.41 15.89 -1.86
CA MET C 57 5.85 15.82 -2.09
C MET C 57 6.35 17.07 -2.81
N ASP C 58 5.49 17.66 -3.61
CA ASP C 58 5.79 18.87 -4.39
C ASP C 58 5.46 20.18 -3.67
N GLY C 59 5.04 20.10 -2.41
CA GLY C 59 4.82 21.28 -1.58
C GLY C 59 3.43 21.91 -1.67
N LYS C 60 2.50 21.21 -2.33
CA LYS C 60 1.13 21.72 -2.46
C LYS C 60 0.24 21.17 -1.34
N GLU C 61 -0.65 22.01 -0.82
CA GLU C 61 -1.63 21.54 0.14
C GLU C 61 -2.77 20.85 -0.60
N VAL C 62 -3.07 19.63 -0.18
CA VAL C 62 -4.09 18.83 -0.84
C VAL C 62 -5.16 18.40 0.15
N LYS C 63 -6.42 18.73 -0.14
CA LYS C 63 -7.54 18.37 0.72
C LYS C 63 -8.43 17.43 -0.06
N LEU C 64 -8.84 16.34 0.58
CA LEU C 64 -9.66 15.35 -0.10
C LEU C 64 -10.92 15.99 -0.65
N SER C 65 -11.52 16.85 0.17
CA SER C 65 -12.82 17.44 -0.13
C SER C 65 -12.75 18.37 -1.34
N ASP C 66 -11.56 18.74 -1.75
CA ASP C 66 -11.41 19.52 -2.96
C ASP C 66 -11.62 18.72 -4.24
N PHE C 67 -11.69 17.41 -4.12
CA PHE C 67 -11.97 16.53 -5.25
C PHE C 67 -13.44 16.12 -5.34
N LYS C 68 -14.30 16.68 -4.49
CA LYS C 68 -15.73 16.39 -4.65
C LYS C 68 -16.11 16.79 -6.07
N GLY C 69 -16.88 15.94 -6.73
CA GLY C 69 -17.23 16.13 -8.13
C GLY C 69 -16.43 15.17 -9.03
N LYS C 70 -15.38 14.60 -8.46
CA LYS C 70 -14.52 13.62 -9.12
C LYS C 70 -14.43 12.39 -8.23
N LYS C 71 -14.30 11.22 -8.83
CA LYS C 71 -13.99 10.03 -8.05
C LYS C 71 -12.52 10.09 -7.62
N VAL C 72 -12.15 9.35 -6.58
CA VAL C 72 -10.78 9.39 -6.08
C VAL C 72 -10.27 7.97 -5.86
N TYR C 73 -9.08 7.71 -6.39
CA TYR C 73 -8.34 6.47 -6.10
C TYR C 73 -7.30 6.83 -5.05
N LEU C 74 -7.51 6.35 -3.84
CA LEU C 74 -6.70 6.75 -2.70
C LEU C 74 -5.93 5.56 -2.20
N LYS C 75 -4.61 5.58 -2.39
CA LYS C 75 -3.77 4.43 -2.07
C LYS C 75 -2.82 4.78 -0.93
N PHE C 76 -2.87 3.95 0.10
CA PHE C 76 -1.99 4.06 1.26
C PHE C 76 -0.86 3.05 1.08
N TRP C 77 0.37 3.51 1.18
CA TRP C 77 1.50 2.63 0.91
C TRP C 77 2.75 3.04 1.65
N ALA C 78 3.85 2.33 1.39
CA ALA C 78 5.12 2.63 1.99
C ALA C 78 6.23 2.13 1.07
N SER C 79 7.36 2.83 1.06
CA SER C 79 8.49 2.46 0.21
C SER C 79 9.11 1.12 0.58
N TRP C 80 8.92 0.68 1.83
CA TRP C 80 9.53 -0.56 2.30
C TRP C 80 8.69 -1.79 1.97
N CYS C 81 7.54 -1.53 1.38
CA CYS C 81 6.56 -2.54 1.03
C CYS C 81 6.85 -3.01 -0.40
N GLY C 82 7.31 -4.25 -0.54
CA GLY C 82 7.66 -4.82 -1.84
C GLY C 82 6.56 -4.72 -2.89
N PRO C 83 5.37 -5.27 -2.58
CA PRO C 83 4.19 -5.14 -3.46
C PRO C 83 3.84 -3.68 -3.76
N CYS C 84 3.99 -2.77 -2.80
CA CYS C 84 3.71 -1.34 -3.05
C CYS C 84 4.64 -0.74 -4.08
N LYS C 85 5.94 -0.99 -3.95
CA LYS C 85 6.89 -0.52 -4.97
C LYS C 85 6.58 -1.14 -6.32
N LYS C 86 6.40 -2.46 -6.33
CA LYS C 86 6.18 -3.17 -7.61
C LYS C 86 4.93 -2.70 -8.36
N SER C 87 3.94 -2.14 -7.64
CA SER C 87 2.67 -1.73 -8.23
C SER C 87 2.69 -0.29 -8.76
N MET C 88 3.77 0.44 -8.49
CA MET C 88 3.81 1.85 -8.86
C MET C 88 3.87 2.08 -10.38
N PRO C 89 4.67 1.28 -11.13
CA PRO C 89 4.61 1.47 -12.60
C PRO C 89 3.22 1.22 -13.16
N GLU C 90 2.52 0.20 -12.68
CA GLU C 90 1.13 0.03 -13.07
C GLU C 90 0.25 1.23 -12.73
N LEU C 91 0.43 1.79 -11.54
CA LEU C 91 -0.33 2.96 -11.20
C LEU C 91 -0.02 4.11 -12.15
N MET C 92 1.24 4.22 -12.59
CA MET C 92 1.57 5.24 -13.61
C MET C 92 0.86 4.99 -14.93
N GLU C 93 0.71 3.72 -15.31
CA GLU C 93 -0.08 3.40 -16.50
C GLU C 93 -1.54 3.89 -16.36
N LEU C 94 -2.09 3.74 -15.18
CA LEU C 94 -3.44 4.22 -14.92
C LEU C 94 -3.49 5.74 -15.05
N ALA C 95 -2.52 6.43 -14.44
CA ALA C 95 -2.47 7.89 -14.51
C ALA C 95 -2.34 8.39 -15.95
N ALA C 96 -1.72 7.58 -16.80
CA ALA C 96 -1.50 8.00 -18.19
C ALA C 96 -2.78 8.00 -19.06
N LYS C 97 -3.84 7.33 -18.61
CA LYS C 97 -5.04 7.23 -19.44
C LYS C 97 -5.72 8.61 -19.47
N PRO C 98 -6.12 9.07 -20.66
CA PRO C 98 -6.82 10.35 -20.76
C PRO C 98 -8.29 10.25 -20.36
N ASP C 99 -8.91 11.39 -20.07
CA ASP C 99 -10.34 11.43 -19.81
C ASP C 99 -10.80 10.51 -18.68
N ARG C 100 -9.99 10.40 -17.62
CA ARG C 100 -10.44 9.71 -16.43
C ARG C 100 -11.40 10.58 -15.63
N ASP C 101 -12.44 9.95 -15.06
CA ASP C 101 -13.32 10.68 -14.15
C ASP C 101 -12.94 10.47 -12.68
N PHE C 102 -11.70 10.05 -12.47
CA PHE C 102 -11.16 9.92 -11.11
C PHE C 102 -9.74 10.48 -11.04
N GLU C 103 -9.39 10.92 -9.85
CA GLU C 103 -8.06 11.43 -9.51
C GLU C 103 -7.34 10.40 -8.65
N ILE C 104 -6.05 10.26 -8.89
CA ILE C 104 -5.21 9.35 -8.12
C ILE C 104 -4.45 10.13 -7.07
N LEU C 105 -4.55 9.69 -5.82
CA LEU C 105 -3.81 10.31 -4.71
C LEU C 105 -3.21 9.15 -3.94
N THR C 106 -1.94 9.28 -3.53
CA THR C 106 -1.35 8.26 -2.68
C THR C 106 -0.84 8.94 -1.42
N VAL C 107 -0.74 8.15 -0.36
CA VAL C 107 -0.37 8.65 0.95
C VAL C 107 0.70 7.73 1.54
N ILE C 108 1.77 8.36 2.03
CA ILE C 108 2.79 7.68 2.81
C ILE C 108 2.91 8.38 4.18
N ALA C 109 3.57 7.73 5.14
CA ALA C 109 3.82 8.37 6.43
C ALA C 109 5.33 8.56 6.58
N PRO C 110 5.83 9.72 6.15
CA PRO C 110 7.29 9.87 6.03
C PRO C 110 7.96 9.77 7.42
N GLY C 111 9.06 9.03 7.45
CA GLY C 111 9.86 8.90 8.66
C GLY C 111 9.25 7.99 9.71
N ILE C 112 8.06 7.50 9.45
CA ILE C 112 7.36 6.72 10.47
C ILE C 112 7.47 5.21 10.25
N GLN C 113 7.90 4.52 11.30
CA GLN C 113 8.07 3.08 11.31
C GLN C 113 8.83 2.58 10.08
N GLY C 114 9.95 3.23 9.78
CA GLY C 114 10.81 2.78 8.70
C GLY C 114 10.67 3.51 7.36
N GLU C 115 9.61 4.27 7.17
CA GLU C 115 9.48 5.02 5.93
C GLU C 115 10.64 6.00 5.79
N LYS C 116 10.97 6.37 4.56
CA LYS C 116 12.06 7.31 4.32
C LYS C 116 11.71 8.72 4.82
N THR C 117 12.74 9.51 5.10
CA THR C 117 12.52 10.86 5.60
C THR C 117 11.91 11.72 4.49
N VAL C 118 11.36 12.88 4.86
CA VAL C 118 10.84 13.83 3.88
C VAL C 118 11.92 14.28 2.88
N GLU C 119 13.18 14.32 3.27
CA GLU C 119 14.26 14.68 2.34
C GLU C 119 14.64 13.51 1.45
N GLN C 120 14.65 12.30 2.01
CA GLN C 120 15.11 11.16 1.23
C GLN C 120 14.06 10.63 0.27
N PHE C 121 12.80 10.68 0.67
CA PHE C 121 11.78 10.00 -0.07
C PHE C 121 11.67 10.44 -1.54
N PRO C 122 11.62 11.76 -1.81
CA PRO C 122 11.53 12.20 -3.20
C PRO C 122 12.74 11.81 -4.04
N GLN C 123 13.91 11.78 -3.43
CA GLN C 123 15.10 11.35 -4.13
C GLN C 123 14.96 9.90 -4.54
N TRP C 124 14.54 9.07 -3.60
CA TRP C 124 14.31 7.66 -3.87
C TRP C 124 13.23 7.49 -4.96
N PHE C 125 12.14 8.22 -4.81
CA PHE C 125 10.98 8.12 -5.73
C PHE C 125 11.44 8.43 -7.14
N GLN C 126 12.18 9.51 -7.28
CA GLN C 126 12.68 9.93 -8.57
C GLN C 126 13.67 8.88 -9.16
N GLU C 127 14.54 8.35 -8.33
CA GLU C 127 15.54 7.35 -8.76
C GLU C 127 14.91 6.05 -9.28
N GLN C 128 13.74 5.70 -8.77
CA GLN C 128 13.02 4.54 -9.28
C GLN C 128 12.39 4.85 -10.66
N GLY C 129 12.34 6.11 -11.03
CA GLY C 129 11.71 6.53 -12.28
C GLY C 129 10.23 6.80 -12.12
N TYR C 130 9.75 6.87 -10.88
CA TYR C 130 8.33 7.13 -10.62
C TYR C 130 8.04 8.61 -10.86
N LYS C 131 6.86 8.87 -11.38
CA LYS C 131 6.41 10.24 -11.57
C LYS C 131 4.94 10.25 -11.94
N ASP C 132 4.35 11.44 -11.96
CA ASP C 132 2.96 11.66 -12.30
C ASP C 132 1.98 11.03 -11.30
N ILE C 133 2.48 10.70 -10.12
CA ILE C 133 1.66 10.14 -9.05
C ILE C 133 1.78 11.05 -7.81
N PRO C 134 0.68 11.67 -7.40
CA PRO C 134 0.77 12.51 -6.19
C PRO C 134 1.12 11.67 -4.97
N VAL C 135 2.03 12.17 -4.16
CA VAL C 135 2.33 11.52 -2.91
C VAL C 135 2.13 12.53 -1.79
N LEU C 136 1.22 12.21 -0.86
CA LEU C 136 0.87 13.10 0.22
C LEU C 136 1.61 12.63 1.49
N TYR C 137 2.12 13.60 2.24
CA TYR C 137 2.87 13.30 3.45
C TYR C 137 2.02 13.30 4.72
N ASP C 138 1.73 12.12 5.22
CA ASP C 138 0.97 11.97 6.45
C ASP C 138 1.95 12.05 7.63
N THR C 139 2.41 13.26 7.92
CA THR C 139 3.52 13.47 8.85
C THR C 139 3.18 13.23 10.32
N LYS C 140 1.90 13.09 10.63
CA LYS C 140 1.44 12.75 11.97
C LYS C 140 0.70 11.42 12.01
N ALA C 141 0.67 10.73 10.87
CA ALA C 141 -0.01 9.45 10.76
C ALA C 141 -1.51 9.53 11.05
N THR C 142 -2.08 10.73 11.04
CA THR C 142 -3.48 10.88 11.38
C THR C 142 -4.40 10.37 10.26
N THR C 143 -3.95 10.46 9.01
CA THR C 143 -4.75 9.93 7.90
C THR C 143 -4.72 8.40 7.89
N PHE C 144 -3.55 7.79 8.08
CA PHE C 144 -3.48 6.35 8.22
C PHE C 144 -4.41 5.91 9.36
N GLN C 145 -4.43 6.66 10.45
CA GLN C 145 -5.27 6.30 11.59
C GLN C 145 -6.73 6.42 11.23
N ALA C 146 -7.10 7.56 10.66
CA ALA C 146 -8.49 7.83 10.29
C ALA C 146 -9.04 6.79 9.31
N TYR C 147 -8.19 6.29 8.42
CA TYR C 147 -8.61 5.26 7.45
C TYR C 147 -8.44 3.83 7.98
N GLN C 148 -8.04 3.72 9.23
CA GLN C 148 -7.94 2.41 9.90
C GLN C 148 -7.13 1.42 9.09
N ILE C 149 -5.96 1.87 8.65
CA ILE C 149 -5.10 1.08 7.80
C ILE C 149 -4.57 -0.11 8.62
N ARG C 150 -4.77 -1.31 8.11
CA ARG C 150 -4.29 -2.51 8.79
C ARG C 150 -3.30 -3.28 7.93
N SER C 151 -3.32 -3.01 6.63
CA SER C 151 -2.37 -3.66 5.75
C SER C 151 -2.03 -2.70 4.63
N ILE C 152 -0.82 -2.85 4.09
CA ILE C 152 -0.49 -2.11 2.88
C ILE C 152 0.00 -2.97 1.74
N PRO C 153 -0.33 -2.53 0.53
CA PRO C 153 -1.10 -1.31 0.32
C PRO C 153 -2.60 -1.52 0.58
N THR C 154 -3.35 -0.45 0.80
CA THR C 154 -4.82 -0.49 0.79
C THR C 154 -5.29 0.64 -0.12
N GLU C 155 -6.27 0.36 -0.98
CA GLU C 155 -6.89 1.40 -1.77
C GLU C 155 -8.34 1.62 -1.36
N TYR C 156 -8.68 2.91 -1.24
CA TYR C 156 -10.04 3.38 -1.05
C TYR C 156 -10.46 4.01 -2.37
N LEU C 157 -11.55 3.49 -2.95
CA LEU C 157 -12.10 4.08 -4.17
C LEU C 157 -13.30 4.90 -3.72
N ILE C 158 -13.15 6.21 -3.84
CA ILE C 158 -14.09 7.16 -3.25
C ILE C 158 -14.93 7.77 -4.36
N ASP C 159 -16.24 7.89 -4.16
CA ASP C 159 -17.10 8.36 -5.25
C ASP C 159 -17.09 9.88 -5.34
N SER C 160 -17.75 10.49 -6.13
CA SER C 160 -17.83 11.92 -6.46
C SER C 160 -18.43 12.72 -5.32
N GLN C 161 -19.21 11.97 -4.66
CA GLN C 161 -19.88 12.62 -3.52
C GLN C 161 -19.06 12.50 -2.25
N GLY C 162 -17.87 11.91 -2.35
CA GLY C 162 -16.96 11.83 -1.23
C GLY C 162 -17.24 10.66 -0.30
N LYS C 163 -18.09 9.72 -0.74
CA LYS C 163 -18.36 8.50 0.03
C LYS C 163 -17.41 7.39 -0.39
N ILE C 164 -17.11 6.50 0.55
CA ILE C 164 -16.29 5.35 0.22
C ILE C 164 -17.12 4.40 -0.61
N GLY C 165 -16.68 4.11 -1.82
CA GLY C 165 -17.38 3.19 -2.70
C GLY C 165 -16.88 1.75 -2.60
N LYS C 166 -15.56 1.60 -2.65
CA LYS C 166 -14.93 0.31 -2.52
C LYS C 166 -13.69 0.41 -1.66
N ILE C 167 -13.30 -0.74 -1.10
CA ILE C 167 -12.01 -0.84 -0.40
C ILE C 167 -11.35 -2.09 -0.93
N GLN C 168 -10.07 -1.98 -1.23
CA GLN C 168 -9.29 -3.15 -1.62
C GLN C 168 -8.08 -3.28 -0.72
N PHE C 169 -7.91 -4.46 -0.18
CA PHE C 169 -6.72 -4.82 0.61
C PHE C 169 -5.73 -5.48 -0.30
N GLY C 170 -4.52 -4.93 -0.33
CA GLY C 170 -3.56 -5.37 -1.33
C GLY C 170 -3.76 -4.58 -2.61
N ALA C 171 -2.97 -4.89 -3.62
CA ALA C 171 -3.00 -4.11 -4.83
C ALA C 171 -4.27 -4.41 -5.63
N ILE C 172 -4.74 -3.44 -6.38
CA ILE C 172 -5.89 -3.64 -7.26
C ILE C 172 -5.42 -3.43 -8.70
N SER C 173 -5.82 -4.31 -9.61
CA SER C 173 -5.37 -4.17 -10.99
C SER C 173 -6.08 -2.93 -11.57
N ASN C 174 -5.48 -2.35 -12.59
CA ASN C 174 -6.07 -1.19 -13.24
C ASN C 174 -7.45 -1.53 -13.80
N ALA C 175 -7.58 -2.70 -14.41
CA ALA C 175 -8.86 -3.16 -14.94
C ALA C 175 -9.94 -3.22 -13.85
N ASP C 176 -9.58 -3.76 -12.70
CA ASP C 176 -10.55 -3.85 -11.59
C ASP C 176 -10.91 -2.47 -11.07
N ALA C 177 -9.92 -1.60 -10.95
CA ALA C 177 -10.18 -0.24 -10.48
C ALA C 177 -11.09 0.49 -11.46
N GLU C 178 -10.80 0.40 -12.75
CA GLU C 178 -11.61 1.08 -13.73
C GLU C 178 -13.05 0.57 -13.70
N ALA C 179 -13.21 -0.74 -13.56
CA ALA C 179 -14.54 -1.35 -13.52
C ALA C 179 -15.31 -0.91 -12.28
N ALA C 180 -14.60 -0.85 -11.15
CA ALA C 180 -15.17 -0.37 -9.90
C ALA C 180 -15.68 1.06 -10.04
N PHE C 181 -14.87 1.94 -10.61
CA PHE C 181 -15.27 3.34 -10.72
C PHE C 181 -16.49 3.50 -11.61
N LYS C 182 -16.64 2.63 -12.59
CA LYS C 182 -17.80 2.68 -13.46
C LYS C 182 -19.08 2.33 -12.69
N GLU C 183 -18.96 1.51 -11.64
CA GLU C 183 -20.11 1.12 -10.81
C GLU C 183 -20.55 2.31 -10.00
N MET C 184 -19.64 3.25 -9.80
CA MET C 184 -19.87 4.31 -8.85
C MET C 184 -20.29 5.59 -9.58
N ASN C 185 -20.86 6.53 -8.84
CA ASN C 185 -21.23 7.81 -9.39
C ASN C 185 -20.20 8.88 -9.00
N ILE D 43 -13.71 -17.78 17.73
CA ILE D 43 -14.66 -18.52 16.90
C ILE D 43 -14.35 -20.02 16.95
N ALA D 44 -15.33 -20.79 17.37
CA ALA D 44 -15.15 -22.23 17.51
C ALA D 44 -16.50 -22.87 17.68
N VAL D 45 -16.65 -24.09 17.14
CA VAL D 45 -17.86 -24.85 17.38
C VAL D 45 -18.04 -25.02 18.89
N GLY D 46 -19.26 -24.86 19.35
CA GLY D 46 -19.53 -25.00 20.76
C GLY D 46 -19.37 -23.73 21.57
N LYS D 47 -18.85 -22.68 20.96
CA LYS D 47 -18.68 -21.42 21.65
C LYS D 47 -19.68 -20.38 21.10
N ASP D 48 -19.94 -19.34 21.89
CA ASP D 48 -20.81 -18.23 21.43
C ASP D 48 -20.40 -17.70 20.08
N ALA D 49 -21.35 -17.59 19.16
CA ALA D 49 -21.11 -16.92 17.90
C ALA D 49 -20.90 -15.44 18.21
N PRO D 50 -19.91 -14.83 17.57
CA PRO D 50 -19.67 -13.39 17.76
C PRO D 50 -20.92 -12.59 17.42
N ASP D 51 -21.25 -11.64 18.27
CA ASP D 51 -22.40 -10.81 17.99
C ASP D 51 -22.03 -9.78 16.92
N PHE D 52 -23.04 -9.28 16.25
CA PHE D 52 -22.87 -8.22 15.28
C PHE D 52 -24.15 -7.43 15.27
N THR D 53 -24.05 -6.19 14.79
CA THR D 53 -25.18 -5.33 14.55
C THR D 53 -24.93 -4.76 13.18
N LEU D 54 -25.78 -5.14 12.22
CA LEU D 54 -25.58 -4.73 10.83
C LEU D 54 -26.87 -4.19 10.22
N GLN D 55 -26.73 -3.25 9.28
CA GLN D 55 -27.86 -2.81 8.47
C GLN D 55 -28.16 -3.81 7.38
N SER D 56 -29.45 -4.07 7.14
CA SER D 56 -29.83 -4.98 6.07
C SER D 56 -30.01 -4.17 4.79
N MET D 57 -30.01 -4.87 3.66
CA MET D 57 -30.27 -4.24 2.35
C MET D 57 -31.51 -3.35 2.38
N ASP D 58 -32.52 -3.79 3.12
CA ASP D 58 -33.77 -3.05 3.21
C ASP D 58 -33.78 -2.01 4.35
N GLY D 59 -32.63 -1.78 4.96
CA GLY D 59 -32.45 -0.65 5.87
C GLY D 59 -32.90 -0.88 7.31
N LYS D 60 -32.96 -2.14 7.72
CA LYS D 60 -33.30 -2.51 9.09
C LYS D 60 -32.03 -2.85 9.85
N GLU D 61 -31.95 -2.45 11.11
CA GLU D 61 -30.85 -2.89 11.94
C GLU D 61 -31.09 -4.31 12.45
N VAL D 62 -30.11 -5.20 12.25
CA VAL D 62 -30.24 -6.59 12.63
C VAL D 62 -29.08 -6.99 13.55
N LYS D 63 -29.41 -7.55 14.71
CA LYS D 63 -28.42 -8.04 15.65
C LYS D 63 -28.59 -9.53 15.81
N LEU D 64 -27.48 -10.27 15.80
CA LEU D 64 -27.54 -11.71 15.96
C LEU D 64 -28.28 -12.05 17.23
N SER D 65 -28.02 -11.29 18.30
CA SER D 65 -28.68 -11.52 19.58
C SER D 65 -30.19 -11.24 19.52
N ASP D 66 -30.68 -10.54 18.49
CA ASP D 66 -32.12 -10.44 18.28
C ASP D 66 -32.75 -11.84 18.16
N PHE D 67 -31.95 -12.83 17.76
CA PHE D 67 -32.48 -14.16 17.44
C PHE D 67 -32.25 -15.24 18.50
N LYS D 68 -31.72 -14.87 19.67
CA LYS D 68 -31.66 -15.84 20.76
C LYS D 68 -33.01 -16.49 20.98
N GLY D 69 -33.05 -17.81 21.08
CA GLY D 69 -34.30 -18.54 21.20
C GLY D 69 -34.67 -19.24 19.92
N LYS D 70 -34.03 -18.82 18.82
CA LYS D 70 -34.22 -19.41 17.51
C LYS D 70 -32.85 -19.83 16.99
N LYS D 71 -32.81 -20.89 16.20
CA LYS D 71 -31.56 -21.25 15.52
C LYS D 71 -31.35 -20.25 14.36
N VAL D 72 -30.12 -20.13 13.90
CA VAL D 72 -29.76 -19.21 12.83
C VAL D 72 -28.89 -19.92 11.79
N TYR D 73 -29.28 -19.78 10.52
CA TYR D 73 -28.49 -20.20 9.37
C TYR D 73 -27.82 -18.93 8.87
N LEU D 74 -26.53 -18.80 9.14
CA LEU D 74 -25.80 -17.60 8.84
C LEU D 74 -24.79 -17.87 7.71
N LYS D 75 -25.06 -17.28 6.55
CA LYS D 75 -24.28 -17.56 5.35
C LYS D 75 -23.47 -16.34 4.92
N PHE D 76 -22.17 -16.53 4.77
CA PHE D 76 -21.27 -15.47 4.29
C PHE D 76 -21.00 -15.71 2.82
N TRP D 77 -21.17 -14.69 2.00
CA TRP D 77 -21.07 -14.88 0.55
C TRP D 77 -20.68 -13.60 -0.17
N ALA D 78 -20.61 -13.67 -1.50
CA ALA D 78 -20.29 -12.53 -2.35
C ALA D 78 -20.87 -12.74 -3.75
N SER D 79 -21.25 -11.65 -4.40
CA SER D 79 -21.91 -11.73 -5.69
C SER D 79 -20.98 -12.26 -6.79
N TRP D 80 -19.68 -12.13 -6.58
CA TRP D 80 -18.70 -12.56 -7.56
C TRP D 80 -18.37 -14.05 -7.45
N CYS D 81 -18.93 -14.69 -6.43
CA CYS D 81 -18.68 -16.10 -6.16
C CYS D 81 -19.72 -16.97 -6.92
N GLY D 82 -19.27 -17.74 -7.89
CA GLY D 82 -20.15 -18.59 -8.68
C GLY D 82 -20.99 -19.54 -7.83
N PRO D 83 -20.35 -20.33 -6.99
CA PRO D 83 -21.14 -21.23 -6.14
C PRO D 83 -22.12 -20.48 -5.22
N CYS D 84 -21.77 -19.26 -4.82
CA CYS D 84 -22.65 -18.46 -3.94
C CYS D 84 -23.93 -18.09 -4.68
N LYS D 85 -23.79 -17.59 -5.89
CA LYS D 85 -24.97 -17.31 -6.72
C LYS D 85 -25.77 -18.54 -7.00
N LYS D 86 -25.10 -19.62 -7.42
CA LYS D 86 -25.78 -20.85 -7.79
C LYS D 86 -26.61 -21.42 -6.62
N SER D 87 -26.20 -21.12 -5.39
CA SER D 87 -26.89 -21.65 -4.20
C SER D 87 -28.02 -20.75 -3.69
N MET D 88 -28.20 -19.57 -4.27
CA MET D 88 -29.19 -18.64 -3.75
C MET D 88 -30.64 -19.14 -3.97
N PRO D 89 -30.98 -19.63 -5.19
CA PRO D 89 -32.33 -20.14 -5.31
C PRO D 89 -32.68 -21.30 -4.35
N GLU D 90 -31.76 -22.22 -4.10
CA GLU D 90 -31.99 -23.26 -3.12
C GLU D 90 -32.24 -22.68 -1.74
N LEU D 91 -31.49 -21.64 -1.37
CA LEU D 91 -31.69 -20.98 -0.08
C LEU D 91 -33.08 -20.35 -0.02
N MET D 92 -33.56 -19.81 -1.14
CA MET D 92 -34.94 -19.28 -1.19
C MET D 92 -35.98 -20.40 -0.99
N GLU D 93 -35.71 -21.59 -1.53
CA GLU D 93 -36.56 -22.74 -1.26
C GLU D 93 -36.62 -23.03 0.24
N LEU D 94 -35.47 -22.99 0.90
CA LEU D 94 -35.43 -23.18 2.36
C LEU D 94 -36.29 -22.11 3.08
N ALA D 95 -36.13 -20.85 2.68
CA ALA D 95 -36.85 -19.74 3.31
C ALA D 95 -38.36 -19.91 3.14
N ALA D 96 -38.74 -20.55 2.06
CA ALA D 96 -40.15 -20.70 1.73
C ALA D 96 -40.83 -21.71 2.62
N LYS D 97 -40.07 -22.58 3.27
CA LYS D 97 -40.68 -23.57 4.12
C LYS D 97 -41.28 -22.98 5.38
N PRO D 98 -42.49 -23.40 5.69
CA PRO D 98 -43.18 -22.90 6.88
C PRO D 98 -42.70 -23.64 8.13
N ASP D 99 -42.97 -23.04 9.28
CA ASP D 99 -42.72 -23.69 10.55
C ASP D 99 -41.25 -24.06 10.79
N ARG D 100 -40.32 -23.26 10.28
CA ARG D 100 -38.91 -23.48 10.57
C ARG D 100 -38.56 -22.98 11.96
N ASP D 101 -37.65 -23.69 12.65
CA ASP D 101 -37.20 -23.23 13.97
C ASP D 101 -35.86 -22.50 13.87
N PHE D 102 -35.55 -22.03 12.67
CA PHE D 102 -34.35 -21.27 12.42
C PHE D 102 -34.65 -20.09 11.49
N GLU D 103 -33.85 -19.05 11.67
CA GLU D 103 -33.86 -17.87 10.83
C GLU D 103 -32.68 -17.91 9.88
N ILE D 104 -32.91 -17.48 8.65
CA ILE D 104 -31.85 -17.34 7.66
C ILE D 104 -31.38 -15.90 7.58
N LEU D 105 -30.07 -15.73 7.72
CA LEU D 105 -29.40 -14.44 7.56
C LEU D 105 -28.21 -14.65 6.64
N THR D 106 -28.03 -13.76 5.68
CA THR D 106 -26.82 -13.79 4.87
C THR D 106 -26.08 -12.46 5.00
N VAL D 107 -24.76 -12.54 4.78
CA VAL D 107 -23.89 -11.40 4.98
C VAL D 107 -22.97 -11.24 3.80
N ILE D 108 -22.94 -10.02 3.27
CA ILE D 108 -21.97 -9.64 2.27
C ILE D 108 -21.11 -8.49 2.81
N ALA D 109 -20.01 -8.21 2.12
CA ALA D 109 -19.13 -7.10 2.50
C ALA D 109 -19.14 -6.11 1.33
N PRO D 110 -20.14 -5.22 1.29
CA PRO D 110 -20.28 -4.41 0.07
C PRO D 110 -19.03 -3.57 -0.21
N GLY D 111 -18.69 -3.50 -1.49
CA GLY D 111 -17.56 -2.71 -1.95
C GLY D 111 -16.21 -3.28 -1.56
N ILE D 112 -16.20 -4.36 -0.79
CA ILE D 112 -14.93 -4.87 -0.28
C ILE D 112 -14.39 -6.06 -1.09
N GLN D 113 -13.14 -5.92 -1.47
CA GLN D 113 -12.41 -6.91 -2.24
C GLN D 113 -13.19 -7.37 -3.46
N GLY D 114 -13.77 -6.44 -4.22
CA GLY D 114 -14.45 -6.78 -5.45
C GLY D 114 -15.97 -6.86 -5.40
N GLU D 115 -16.55 -6.90 -4.21
CA GLU D 115 -18.00 -6.87 -4.09
C GLU D 115 -18.61 -5.58 -4.65
N LYS D 116 -19.88 -5.68 -5.04
CA LYS D 116 -20.57 -4.56 -5.63
C LYS D 116 -20.77 -3.48 -4.59
N THR D 117 -20.96 -2.25 -5.05
CA THR D 117 -21.22 -1.16 -4.14
C THR D 117 -22.56 -1.34 -3.46
N VAL D 118 -22.78 -0.56 -2.40
CA VAL D 118 -24.05 -0.58 -1.69
C VAL D 118 -25.18 -0.15 -2.63
N GLU D 119 -24.87 0.66 -3.64
CA GLU D 119 -25.87 1.12 -4.58
C GLU D 119 -26.12 0.10 -5.68
N GLN D 120 -25.09 -0.58 -6.15
CA GLN D 120 -25.30 -1.54 -7.23
C GLN D 120 -25.83 -2.88 -6.72
N PHE D 121 -25.42 -3.29 -5.53
CA PHE D 121 -25.76 -4.62 -5.07
C PHE D 121 -27.26 -4.95 -5.09
N PRO D 122 -28.09 -4.10 -4.48
CA PRO D 122 -29.53 -4.41 -4.47
C PRO D 122 -30.17 -4.52 -5.86
N GLN D 123 -29.75 -3.69 -6.81
CA GLN D 123 -30.23 -3.80 -8.16
C GLN D 123 -29.86 -5.13 -8.78
N TRP D 124 -28.59 -5.51 -8.63
CA TRP D 124 -28.12 -6.79 -9.11
C TRP D 124 -28.94 -7.95 -8.49
N PHE D 125 -29.11 -7.88 -7.18
CA PHE D 125 -29.82 -8.89 -6.41
C PHE D 125 -31.23 -9.08 -6.97
N GLN D 126 -31.93 -7.96 -7.18
CA GLN D 126 -33.30 -7.98 -7.68
C GLN D 126 -33.34 -8.51 -9.10
N GLU D 127 -32.36 -8.11 -9.89
CA GLU D 127 -32.31 -8.51 -11.30
C GLU D 127 -32.13 -10.03 -11.45
N GLN D 128 -31.48 -10.66 -10.47
CA GLN D 128 -31.31 -12.12 -10.47
C GLN D 128 -32.61 -12.83 -10.08
N GLY D 129 -33.59 -12.09 -9.57
CA GLY D 129 -34.84 -12.71 -9.13
C GLY D 129 -34.77 -13.16 -7.67
N TYR D 130 -33.69 -12.81 -6.99
CA TYR D 130 -33.54 -13.20 -5.58
C TYR D 130 -34.47 -12.33 -4.72
N LYS D 131 -35.02 -12.95 -3.69
CA LYS D 131 -35.86 -12.25 -2.74
C LYS D 131 -36.10 -13.12 -1.54
N ASP D 132 -36.69 -12.53 -0.49
CA ASP D 132 -37.04 -13.25 0.75
C ASP D 132 -35.84 -13.78 1.51
N ILE D 133 -34.67 -13.25 1.21
CA ILE D 133 -33.44 -13.66 1.89
C ILE D 133 -32.84 -12.40 2.48
N PRO D 134 -32.71 -12.34 3.82
CA PRO D 134 -32.05 -11.16 4.37
C PRO D 134 -30.59 -11.06 3.95
N VAL D 135 -30.18 -9.84 3.59
CA VAL D 135 -28.78 -9.61 3.21
C VAL D 135 -28.27 -8.49 4.08
N LEU D 136 -27.28 -8.80 4.91
CA LEU D 136 -26.73 -7.84 5.84
C LEU D 136 -25.44 -7.28 5.28
N TYR D 137 -25.24 -5.98 5.46
CA TYR D 137 -24.11 -5.29 4.87
C TYR D 137 -22.97 -5.12 5.85
N ASP D 138 -21.92 -5.89 5.67
CA ASP D 138 -20.77 -5.80 6.57
C ASP D 138 -19.84 -4.74 5.99
N THR D 139 -20.22 -3.48 6.13
CA THR D 139 -19.53 -2.35 5.48
C THR D 139 -18.15 -2.02 6.05
N LYS D 140 -17.81 -2.60 7.21
CA LYS D 140 -16.47 -2.48 7.79
C LYS D 140 -15.66 -3.76 7.70
N ALA D 141 -16.27 -4.83 7.19
CA ALA D 141 -15.62 -6.12 7.04
C ALA D 141 -15.39 -6.82 8.38
N THR D 142 -15.94 -6.26 9.44
CA THR D 142 -15.59 -6.76 10.77
C THR D 142 -16.34 -8.04 11.14
N THR D 143 -17.52 -8.27 10.57
CA THR D 143 -18.20 -9.54 10.79
C THR D 143 -17.50 -10.69 10.07
N PHE D 144 -17.09 -10.45 8.83
CA PHE D 144 -16.26 -11.41 8.10
C PHE D 144 -14.99 -11.72 8.87
N GLN D 145 -14.39 -10.70 9.47
CA GLN D 145 -13.17 -10.87 10.26
C GLN D 145 -13.47 -11.64 11.53
N ALA D 146 -14.54 -11.27 12.23
CA ALA D 146 -14.89 -11.94 13.47
C ALA D 146 -15.19 -13.44 13.26
N TYR D 147 -15.77 -13.79 12.12
CA TYR D 147 -16.09 -15.18 11.83
C TYR D 147 -14.96 -15.85 11.05
N GLN D 148 -13.85 -15.15 10.89
CA GLN D 148 -12.65 -15.76 10.30
C GLN D 148 -12.92 -16.40 8.96
N ILE D 149 -13.60 -15.66 8.11
CA ILE D 149 -14.03 -16.16 6.83
C ILE D 149 -12.80 -16.23 5.93
N ARG D 150 -12.44 -17.45 5.55
CA ARG D 150 -11.30 -17.68 4.67
C ARG D 150 -11.79 -17.95 3.25
N SER D 151 -12.94 -18.59 3.16
CA SER D 151 -13.51 -19.01 1.88
C SER D 151 -15.01 -18.79 1.85
N ILE D 152 -15.56 -18.69 0.65
CA ILE D 152 -17.00 -18.51 0.51
C ILE D 152 -17.54 -19.46 -0.53
N PRO D 153 -18.81 -19.85 -0.38
CA PRO D 153 -19.61 -19.44 0.78
C PRO D 153 -19.21 -20.23 2.04
N THR D 154 -19.48 -19.69 3.23
CA THR D 154 -19.36 -20.45 4.46
C THR D 154 -20.66 -20.27 5.22
N GLU D 155 -21.18 -21.35 5.79
CA GLU D 155 -22.37 -21.27 6.63
C GLU D 155 -22.04 -21.64 8.07
N TYR D 156 -22.55 -20.83 8.99
CA TYR D 156 -22.49 -21.14 10.40
C TYR D 156 -23.91 -21.48 10.83
N LEU D 157 -24.09 -22.67 11.39
CA LEU D 157 -25.38 -23.02 11.92
C LEU D 157 -25.34 -22.86 13.42
N ILE D 158 -26.11 -21.89 13.89
CA ILE D 158 -26.04 -21.41 15.23
C ILE D 158 -27.28 -21.90 16.00
N ASP D 159 -27.07 -22.40 17.22
CA ASP D 159 -28.18 -22.97 17.96
C ASP D 159 -29.00 -21.88 18.65
N SER D 160 -30.10 -22.27 19.31
CA SER D 160 -30.98 -21.32 19.97
C SER D 160 -30.33 -20.52 21.07
N GLN D 161 -29.23 -21.06 21.62
CA GLN D 161 -28.51 -20.37 22.70
C GLN D 161 -27.50 -19.40 22.16
N GLY D 162 -27.38 -19.35 20.83
CA GLY D 162 -26.44 -18.47 20.18
C GLY D 162 -25.01 -19.01 20.11
N LYS D 163 -24.85 -20.31 20.31
CA LYS D 163 -23.56 -20.96 20.13
C LYS D 163 -23.45 -21.59 18.75
N ILE D 164 -22.24 -21.63 18.20
CA ILE D 164 -22.02 -22.27 16.90
C ILE D 164 -22.22 -23.76 17.07
N GLY D 165 -23.12 -24.32 16.28
CA GLY D 165 -23.38 -25.75 16.30
C GLY D 165 -22.64 -26.50 15.22
N LYS D 166 -22.74 -25.98 13.99
CA LYS D 166 -22.02 -26.55 12.85
C LYS D 166 -21.43 -25.44 11.99
N ILE D 167 -20.39 -25.81 11.25
CA ILE D 167 -19.81 -24.93 10.24
C ILE D 167 -19.66 -25.75 8.97
N GLN D 168 -20.05 -25.14 7.85
CA GLN D 168 -19.91 -25.79 6.56
C GLN D 168 -19.12 -24.88 5.63
N PHE D 169 -18.07 -25.42 5.03
CA PHE D 169 -17.30 -24.70 4.03
C PHE D 169 -17.81 -25.10 2.67
N GLY D 170 -18.25 -24.13 1.89
CA GLY D 170 -18.92 -24.40 0.64
C GLY D 170 -20.39 -24.47 0.95
N ALA D 171 -21.21 -24.69 -0.06
CA ALA D 171 -22.64 -24.69 0.11
C ALA D 171 -23.06 -25.94 0.89
N ILE D 172 -24.15 -25.81 1.62
CA ILE D 172 -24.74 -26.94 2.32
C ILE D 172 -26.12 -27.19 1.70
N SER D 173 -26.46 -28.44 1.44
CA SER D 173 -27.80 -28.70 0.89
C SER D 173 -28.86 -28.37 1.94
N ASN D 174 -30.06 -28.09 1.48
CA ASN D 174 -31.16 -27.83 2.41
C ASN D 174 -31.38 -29.04 3.33
N ALA D 175 -31.36 -30.23 2.75
CA ALA D 175 -31.56 -31.45 3.53
C ALA D 175 -30.52 -31.57 4.65
N ASP D 176 -29.25 -31.31 4.33
CA ASP D 176 -28.21 -31.37 5.37
C ASP D 176 -28.35 -30.29 6.43
N ALA D 177 -28.71 -29.07 6.03
CA ALA D 177 -28.94 -28.01 6.98
C ALA D 177 -30.09 -28.36 7.91
N GLU D 178 -31.18 -28.88 7.35
CA GLU D 178 -32.34 -29.21 8.18
C GLU D 178 -31.95 -30.30 9.17
N ALA D 179 -31.20 -31.28 8.69
CA ALA D 179 -30.82 -32.40 9.55
C ALA D 179 -29.90 -31.90 10.66
N ALA D 180 -28.98 -31.00 10.32
CA ALA D 180 -28.06 -30.43 11.30
C ALA D 180 -28.81 -29.65 12.38
N PHE D 181 -29.79 -28.85 11.99
CA PHE D 181 -30.54 -28.10 12.98
C PHE D 181 -31.32 -29.01 13.92
N LYS D 182 -31.72 -30.17 13.44
CA LYS D 182 -32.37 -31.16 14.32
C LYS D 182 -31.42 -31.69 15.41
N GLU D 183 -30.12 -31.69 15.14
CA GLU D 183 -29.14 -32.19 16.11
C GLU D 183 -28.87 -31.16 17.18
N MET D 184 -29.39 -29.96 16.97
CA MET D 184 -29.11 -28.80 17.82
C MET D 184 -30.27 -28.45 18.70
N ASN D 185 -29.99 -27.74 19.78
CA ASN D 185 -31.08 -27.23 20.59
C ASN D 185 -31.45 -25.79 20.16
C2 C6W E . 28.79 -2.42 -16.19
C3 C6W E . 28.42 -4.63 -17.59
C1 C6W E . 30.59 -3.68 -17.09
C4 C6W E . 28.57 -2.74 -18.13
C5 C6W E . 29.60 -2.00 -18.98
C10 C6W E . 26.29 -2.77 -24.84
CAI C6W E . 28.32 -3.70 -25.93
C13 C6W E . 27.44 -4.72 -26.63
C6 C6W E . 30.76 -2.21 -23.01
C7 C6W E . 29.23 -2.32 -23.06
C9 C6W E . 27.77 -2.78 -25.07
O3 C6W E . 32.46 -1.33 -19.68
P C6W E . 31.64 -2.26 -20.55
O4 C6W E . 32.66 -3.30 -20.85
O1 C6W E . 30.40 -2.85 -19.74
N C6W E . 29.15 -3.52 -17.01
O2 C6W E . 31.15 -1.49 -21.87
C8 C6W E . 28.66 -1.76 -24.38
C12 C6W E . 26.07 -4.72 -26.41
C11 C6W E . 25.47 -3.72 -25.49
C1 MLI F . 23.42 8.85 -19.40
C2 MLI F . 23.89 7.87 -20.42
C3 MLI F . 22.06 9.36 -19.73
O6 MLI F . 23.74 8.09 -21.67
O7 MLI F . 24.47 6.81 -20.03
O8 MLI F . 21.10 8.56 -19.86
O9 MLI F . 21.86 10.60 -19.90
C1 MLI G . 3.82 -1.91 -27.70
C2 MLI G . 2.91 -0.80 -28.11
C3 MLI G . 3.09 -3.20 -27.65
O6 MLI G . 1.66 -0.89 -27.89
O7 MLI G . 3.39 0.22 -28.64
O8 MLI G . 2.67 -3.64 -26.54
O9 MLI G . 2.88 -3.85 -28.71
C2 C6W H . 3.92 -0.07 35.76
C3 C6W H . 1.38 0.59 35.98
C1 C6W H . 2.15 -1.55 35.13
C4 C6W H . 2.73 0.73 34.44
C5 C6W H . 1.53 0.93 33.48
C10 C6W H . 2.57 7.83 32.07
CAI C6W H . 4.45 6.57 31.01
C13 C6W H . 5.39 7.68 31.45
C6 C6W H . 0.54 3.78 31.48
C7 C6W H . 1.60 4.74 32.02
C9 C6W H . 3.11 6.65 31.32
O3 C6W H . -1.33 1.27 32.76
P C6W H . -0.62 2.45 33.38
O4 C6W H . -1.48 2.76 34.55
O1 C6W H . 0.85 2.09 33.86
N C6W H . 2.52 -0.21 35.56
O2 C6W H . -0.54 3.71 32.41
C8 C6W H . 2.19 5.55 30.85
C12 C6W H . 4.89 8.78 32.16
C11 C6W H . 3.44 8.86 32.47
C1 MLI I . 12.17 -5.53 37.22
C2 MLI I . 13.53 -5.52 36.61
C3 MLI I . 11.85 -4.19 37.77
O6 MLI I . 14.56 -5.47 37.32
O7 MLI I . 13.64 -5.57 35.35
O8 MLI I . 11.16 -3.39 37.10
O9 MLI I . 12.28 -3.87 38.92
C1 MLI J . 25.61 9.69 24.68
C2 MLI J . 26.54 10.34 25.63
C3 MLI J . 26.33 9.58 23.37
O6 MLI J . 27.18 9.67 26.46
O7 MLI J . 26.69 11.60 25.59
O8 MLI J . 25.68 9.64 22.31
O9 MLI J . 27.59 9.44 23.33
C2 C6W K . 9.62 -3.16 7.51
C3 C6W K . 9.60 -0.81 8.74
C1 C6W K . 10.11 -2.90 9.82
C4 C6W K . 8.20 -2.15 8.42
C5 C6W K . 7.39 -2.98 9.42
C10 C6W K . 2.68 2.32 10.83
CAI C6W K . 2.30 2.18 8.38
C13 C6W K . 2.09 3.67 8.35
C6 C6W K . 4.03 -1.91 10.56
C7 C6W K . 3.95 -0.38 10.50
C9 C6W K . 2.59 1.53 9.56
O3 C6W K . 6.33 -4.30 11.73
P C6W K . 6.21 -2.79 11.72
O4 C6W K . 6.88 -2.44 13.01
O1 C6W K . 7.00 -2.16 10.48
N C6W K . 9.67 -2.26 8.59
O2 C6W K . 4.69 -2.31 11.74
C8 C6W K . 2.79 0.04 9.57
C12 C6W K . 2.18 4.40 9.53
C11 C6W K . 2.49 3.71 10.81
C1 MLI L . -3.31 12.66 -10.39
C2 MLI L . -4.21 12.23 -11.49
C3 MLI L . -2.74 14.01 -10.68
O6 MLI L . -5.17 11.45 -11.27
O7 MLI L . -3.99 12.61 -12.66
O8 MLI L . -1.57 14.09 -11.13
O9 MLI L . -3.42 15.04 -10.47
C1 MLI M . 13.51 -0.10 -1.43
C2 MLI M . 13.95 0.44 -0.11
C3 MLI M . 14.44 0.25 -2.55
O6 MLI M . 13.28 0.17 0.94
O7 MLI M . 14.98 1.16 -0.03
O8 MLI M . 14.08 0.11 -3.75
O9 MLI M . 15.60 0.70 -2.31
C2 C6W N . -12.55 -12.38 -7.19
C3 C6W N . -13.21 -9.93 -6.47
C1 C6W N . -11.26 -10.46 -7.76
C4 C6W N . -12.12 -11.33 -5.62
C5 C6W N . -10.64 -11.19 -5.24
C10 C6W N . -12.11 -10.99 1.57
CAI C6W N . -14.24 -12.22 1.20
C13 C6W N . -14.96 -11.06 1.85
C6 C6W N . -10.81 -12.00 -1.29
C7 C6W N . -11.83 -13.13 -1.06
C9 C6W N . -12.86 -12.19 1.07
O3 C6W N . -8.03 -12.85 -3.83
P C6W N . -9.14 -12.01 -3.26
O4 C6W N . -8.51 -10.65 -3.28
O1 C6W N . -10.43 -12.07 -4.18
N C6W N . -12.40 -10.98 -7.02
O2 C6W N . -9.59 -12.49 -1.80
C8 C6W N . -12.15 -13.36 0.43
C12 C6W N . -14.26 -9.95 2.31
C11 C6W N . -12.78 -9.91 2.17
C1 MLI O . -34.06 -8.64 7.53
C2 MLI O . -34.74 -9.65 8.40
C3 MLI O . -34.59 -8.60 6.13
O6 MLI O . -35.88 -10.12 8.11
O7 MLI O . -34.18 -10.03 9.46
O8 MLI O . -35.57 -9.28 5.75
O9 MLI O . -34.01 -7.85 5.29
C1 MLI P . -35.58 -15.00 6.90
C2 MLI P . -36.29 -16.20 7.41
C3 MLI P . -36.47 -13.81 6.90
O6 MLI P . -37.56 -16.27 7.38
O7 MLI P . -35.63 -17.17 7.87
O8 MLI P . -37.07 -13.49 5.84
O9 MLI P . -36.59 -13.11 7.94
#